data_6VFP
#
_entry.id   6VFP
#
_cell.length_a   148.595
_cell.length_b   148.595
_cell.length_c   149.846
_cell.angle_alpha   90.000
_cell.angle_beta   90.000
_cell.angle_gamma   120.000
#
_symmetry.space_group_name_H-M   'P 61 2 2'
#
loop_
_entity.id
_entity.type
_entity.pdbx_description
1 polymer Protocadherin-1
2 branched beta-D-mannopyranose-(1-4)-2-acetamido-2-deoxy-beta-D-glucopyranose-(1-4)-2-acetamido-2-deoxy-beta-D-glucopyranose
3 non-polymer 2-acetamido-2-deoxy-beta-D-glucopyranose
4 non-polymer 'CALCIUM ION'
5 water water
#
_entity_poly.entity_id   1
_entity_poly.type   'polypeptide(L)'
_entity_poly.pdbx_seq_one_letter_code
;TRVVYKVPEEQPPNTLIGSLAADYGFPDVGHLYKLEVGAPYLRVDGKTGDIFTTETSIDREGLRECQNQLPGDPCILEFE
VSITDLVQNGSPRLLEGQIEVQDINDNTPNFASPVITLAIPENTNIGSLFPIPLASDRDAGPNGVASYELQAGPEAQELF
GLQVAEDQEEKQPQLIVMGNLDRERWDSYDLTIKVQDGGSPPRASSALLRVTVLDTNDNAPKFERPSYEAELSENSPIGH
SVIQVKANDSDQGANAEIEYTFHQAPEVVRRLLRLDRNTGLITVQGPVDREDLSTLRFSVLAKDRGTNPKSARAQVVVTV
KDMNDNAPTIEIRGIGLVTHQDGMANISEDVAEETAVALVQVSDRDEGENAAVTCVVAGDVPFQLRQASETGSDSKKKYF
LQTTTPLDYEKVKDYTIEIVAVDSGNPPLSSTNSLKVQVVDHHHHHH
;
_entity_poly.pdbx_strand_id   A
#
loop_
_chem_comp.id
_chem_comp.type
_chem_comp.name
_chem_comp.formula
BMA D-saccharide, beta linking beta-D-mannopyranose 'C6 H12 O6'
CA non-polymer 'CALCIUM ION' 'Ca 2'
NAG D-saccharide, beta linking 2-acetamido-2-deoxy-beta-D-glucopyranose 'C8 H15 N O6'
#
# COMPACT_ATOMS: atom_id res chain seq x y z
N ARG A 2 -28.81 50.87 -44.73
CA ARG A 2 -29.50 49.65 -45.10
C ARG A 2 -28.52 48.60 -45.63
N VAL A 3 -27.26 49.00 -45.77
CA VAL A 3 -26.20 48.10 -46.22
C VAL A 3 -25.24 47.87 -45.06
N VAL A 4 -24.47 46.78 -45.16
CA VAL A 4 -23.54 46.38 -44.10
C VAL A 4 -22.16 46.90 -44.43
N TYR A 5 -21.35 47.09 -43.38
CA TYR A 5 -19.97 47.53 -43.53
C TYR A 5 -19.08 46.63 -42.67
N LYS A 6 -18.18 45.90 -43.31
CA LYS A 6 -17.23 45.04 -42.62
C LYS A 6 -16.02 45.86 -42.21
N VAL A 7 -15.68 45.79 -40.92
CA VAL A 7 -14.56 46.58 -40.39
C VAL A 7 -13.76 45.75 -39.40
N PRO A 8 -12.43 45.81 -39.43
CA PRO A 8 -11.65 45.16 -38.36
C PRO A 8 -11.92 45.79 -37.01
N GLU A 9 -11.71 45.00 -35.96
CA GLU A 9 -11.83 45.49 -34.59
C GLU A 9 -10.55 46.24 -34.20
N GLU A 10 -10.63 46.93 -33.06
CA GLU A 10 -9.46 47.56 -32.46
C GLU A 10 -8.74 48.48 -33.44
N GLN A 11 -9.50 49.11 -34.34
CA GLN A 11 -8.93 50.04 -35.30
C GLN A 11 -8.42 51.28 -34.57
N PRO A 12 -7.63 52.12 -35.23
CA PRO A 12 -7.21 53.37 -34.61
C PRO A 12 -8.30 54.42 -34.72
N PRO A 13 -8.34 55.38 -33.80
CA PRO A 13 -9.42 56.37 -33.82
C PRO A 13 -9.54 57.06 -35.17
N ASN A 14 -10.75 57.54 -35.46
CA ASN A 14 -11.03 58.34 -36.65
C ASN A 14 -10.57 57.62 -37.92
N THR A 15 -10.82 56.32 -37.98
CA THR A 15 -10.56 55.54 -39.18
C THR A 15 -11.82 55.53 -40.05
N LEU A 16 -11.67 55.87 -41.32
CA LEU A 16 -12.81 55.87 -42.23
C LEU A 16 -13.30 54.43 -42.40
N ILE A 17 -14.55 54.19 -42.00
CA ILE A 17 -15.18 52.90 -42.17
C ILE A 17 -15.83 52.78 -43.53
N GLY A 18 -16.61 53.78 -43.91
CA GLY A 18 -17.30 53.76 -45.18
C GLY A 18 -18.03 55.06 -45.36
N SER A 19 -18.38 55.34 -46.62
CA SER A 19 -19.13 56.53 -46.97
C SER A 19 -20.51 56.14 -47.47
N LEU A 20 -21.51 56.92 -47.08
CA LEU A 20 -22.86 56.72 -47.59
C LEU A 20 -23.02 57.19 -49.02
N ALA A 21 -21.92 57.61 -49.65
CA ALA A 21 -21.95 57.95 -51.07
C ALA A 21 -22.51 56.79 -51.88
N ALA A 22 -22.14 55.56 -51.51
CA ALA A 22 -22.73 54.39 -52.14
C ALA A 22 -24.23 54.33 -51.92
N ASP A 23 -24.75 55.09 -50.95
CA ASP A 23 -26.18 55.17 -50.70
C ASP A 23 -26.78 56.29 -51.55
N TYR A 24 -28.02 56.68 -51.23
CA TYR A 24 -28.80 57.53 -52.13
C TYR A 24 -28.38 58.99 -52.06
N GLY A 25 -27.88 59.46 -50.92
CA GLY A 25 -27.58 60.87 -50.76
C GLY A 25 -26.43 61.32 -51.65
N PHE A 26 -26.29 62.64 -51.75
CA PHE A 26 -25.22 63.29 -52.50
C PHE A 26 -24.26 63.99 -51.55
N PRO A 27 -23.03 64.27 -52.01
CA PRO A 27 -21.99 64.76 -51.09
C PRO A 27 -22.24 66.19 -50.64
N ASP A 28 -22.43 66.35 -49.33
CA ASP A 28 -22.52 67.68 -48.71
C ASP A 28 -23.53 68.56 -49.43
N VAL A 29 -24.65 67.95 -49.85
CA VAL A 29 -25.66 68.64 -50.62
C VAL A 29 -26.92 68.85 -49.78
N GLY A 30 -26.93 69.93 -49.00
CA GLY A 30 -28.14 70.31 -48.28
C GLY A 30 -28.76 69.18 -47.48
N HIS A 31 -27.92 68.34 -46.88
CA HIS A 31 -28.39 67.27 -46.00
C HIS A 31 -27.51 67.23 -44.77
N LEU A 32 -28.13 67.26 -43.59
CA LEU A 32 -27.42 67.05 -42.34
C LEU A 32 -27.47 65.57 -41.98
N TYR A 33 -26.29 65.00 -41.73
CA TYR A 33 -26.13 63.59 -41.34
C TYR A 33 -25.89 63.56 -39.84
N LYS A 34 -26.95 63.31 -39.06
CA LYS A 34 -26.83 63.16 -37.62
C LYS A 34 -26.89 61.69 -37.25
N LEU A 35 -26.10 61.29 -36.27
CA LEU A 35 -26.05 59.91 -35.81
C LEU A 35 -26.90 59.76 -34.55
N GLU A 36 -27.75 58.74 -34.54
CA GLU A 36 -28.68 58.51 -33.44
C GLU A 36 -28.43 57.23 -32.66
N VAL A 37 -27.65 56.29 -33.20
CA VAL A 37 -27.47 54.99 -32.56
C VAL A 37 -25.99 54.62 -32.59
N GLY A 38 -25.58 53.78 -31.65
CA GLY A 38 -24.19 53.39 -31.54
C GLY A 38 -23.27 54.54 -31.23
N ALA A 39 -23.75 55.52 -30.46
CA ALA A 39 -22.98 56.73 -30.19
C ALA A 39 -21.58 56.45 -29.66
N PRO A 40 -21.37 55.55 -28.69
CA PRO A 40 -20.03 55.43 -28.10
C PRO A 40 -18.93 55.16 -29.10
N TYR A 41 -19.18 54.32 -30.11
CA TYR A 41 -18.12 53.79 -30.96
C TYR A 41 -17.97 54.54 -32.28
N LEU A 42 -19.07 54.93 -32.90
CA LEU A 42 -19.03 55.52 -34.23
C LEU A 42 -19.09 57.05 -34.16
N ARG A 43 -18.86 57.67 -35.31
CA ARG A 43 -18.88 59.12 -35.45
C ARG A 43 -19.01 59.45 -36.94
N VAL A 44 -19.82 60.45 -37.24
CA VAL A 44 -20.14 60.80 -38.62
C VAL A 44 -19.60 62.20 -38.92
N ASP A 45 -19.29 62.43 -40.20
CA ASP A 45 -18.77 63.73 -40.60
C ASP A 45 -19.82 64.82 -40.50
N GLY A 46 -21.08 64.49 -40.70
CA GLY A 46 -22.16 65.46 -40.61
C GLY A 46 -22.48 66.14 -41.93
N LYS A 47 -21.44 66.62 -42.61
CA LYS A 47 -21.61 67.22 -43.93
C LYS A 47 -21.59 66.16 -45.02
N THR A 48 -20.60 65.27 -44.99
CA THR A 48 -20.54 64.15 -45.91
C THR A 48 -21.11 62.90 -45.25
N GLY A 49 -21.36 61.87 -46.07
CA GLY A 49 -21.88 60.62 -45.57
C GLY A 49 -20.78 59.69 -45.11
N ASP A 50 -19.72 60.25 -44.55
CA ASP A 50 -18.55 59.47 -44.14
C ASP A 50 -18.71 59.01 -42.69
N ILE A 51 -18.45 57.73 -42.45
CA ILE A 51 -18.49 57.15 -41.11
C ILE A 51 -17.07 56.93 -40.64
N PHE A 52 -16.82 57.21 -39.36
CA PHE A 52 -15.50 57.10 -38.77
C PHE A 52 -15.59 56.42 -37.42
N THR A 53 -14.43 55.94 -36.95
CA THR A 53 -14.35 55.33 -35.62
C THR A 53 -14.15 56.43 -34.58
N THR A 54 -13.81 56.04 -33.36
CA THR A 54 -13.56 56.99 -32.29
C THR A 54 -12.44 56.44 -31.41
N GLU A 55 -12.23 57.08 -30.26
CA GLU A 55 -11.21 56.61 -29.32
C GLU A 55 -11.70 55.47 -28.45
N THR A 56 -13.02 55.28 -28.35
CA THR A 56 -13.57 54.07 -27.73
C THR A 56 -13.49 52.96 -28.77
N SER A 57 -12.45 52.14 -28.68
CA SER A 57 -12.17 51.16 -29.73
C SER A 57 -13.24 50.08 -29.75
N ILE A 58 -13.72 49.79 -30.96
CA ILE A 58 -14.65 48.69 -31.16
C ILE A 58 -13.93 47.36 -30.90
N ASP A 59 -14.39 46.62 -29.90
CA ASP A 59 -13.75 45.39 -29.47
C ASP A 59 -14.73 44.23 -29.66
N ARG A 60 -14.38 43.31 -30.56
CA ARG A 60 -15.23 42.15 -30.78
C ARG A 60 -15.32 41.28 -29.54
N GLU A 61 -14.21 41.11 -28.83
CA GLU A 61 -14.18 40.16 -27.72
C GLU A 61 -14.98 40.67 -26.53
N GLY A 62 -14.94 41.97 -26.26
CA GLY A 62 -15.51 42.49 -25.03
C GLY A 62 -16.63 43.49 -25.23
N LEU A 63 -17.47 43.28 -26.23
CA LEU A 63 -18.62 44.13 -26.48
C LEU A 63 -19.91 43.34 -26.24
N ARG A 64 -20.91 44.03 -25.68
CA ARG A 64 -22.13 43.36 -25.26
C ARG A 64 -22.82 42.64 -26.41
N GLU A 65 -22.83 43.26 -27.60
CA GLU A 65 -23.69 42.80 -28.68
C GLU A 65 -23.42 41.35 -29.07
N CYS A 66 -22.25 40.79 -28.70
CA CYS A 66 -21.84 39.51 -29.25
C CYS A 66 -21.29 38.55 -28.19
N GLN A 67 -21.57 38.79 -26.92
CA GLN A 67 -20.97 38.00 -25.85
C GLN A 67 -21.30 36.53 -25.99
N ASN A 68 -22.56 36.15 -25.76
CA ASN A 68 -22.99 34.75 -25.86
C ASN A 68 -23.38 34.46 -27.31
N GLN A 69 -22.37 34.18 -28.12
CA GLN A 69 -22.56 33.92 -29.54
C GLN A 69 -21.99 32.56 -29.91
N LEU A 70 -22.46 32.02 -31.02
CA LEU A 70 -21.97 30.75 -31.54
C LEU A 70 -20.86 30.99 -32.56
N PRO A 71 -20.03 29.98 -32.82
CA PRO A 71 -18.88 30.20 -33.72
C PRO A 71 -19.25 30.78 -35.08
N GLY A 72 -20.29 30.23 -35.72
CA GLY A 72 -20.63 30.67 -37.07
C GLY A 72 -21.06 32.12 -37.14
N ASP A 73 -21.75 32.61 -36.11
CA ASP A 73 -22.40 33.90 -36.20
C ASP A 73 -21.36 35.03 -36.18
N PRO A 74 -21.62 36.12 -36.89
CA PRO A 74 -20.73 37.28 -36.84
C PRO A 74 -21.10 38.23 -35.72
N CYS A 75 -20.15 39.09 -35.37
CA CYS A 75 -20.38 40.11 -34.35
C CYS A 75 -20.94 41.34 -35.04
N ILE A 76 -22.20 41.65 -34.75
CA ILE A 76 -22.94 42.73 -35.40
C ILE A 76 -23.22 43.83 -34.40
N LEU A 77 -23.09 45.08 -34.83
CA LEU A 77 -23.66 46.19 -34.09
C LEU A 77 -24.31 47.14 -35.08
N GLU A 78 -25.52 47.57 -34.76
CA GLU A 78 -26.32 48.36 -35.69
C GLU A 78 -26.24 49.83 -35.30
N PHE A 79 -26.60 50.68 -36.27
CA PHE A 79 -26.62 52.12 -36.06
C PHE A 79 -27.74 52.71 -36.89
N GLU A 80 -28.10 53.96 -36.57
CA GLU A 80 -29.15 54.68 -37.27
C GLU A 80 -28.66 56.08 -37.57
N VAL A 81 -28.44 56.37 -38.86
CA VAL A 81 -28.06 57.71 -39.29
C VAL A 81 -29.29 58.37 -39.88
N SER A 82 -29.68 59.51 -39.30
CA SER A 82 -30.81 60.30 -39.77
C SER A 82 -30.29 61.44 -40.63
N ILE A 83 -30.90 61.63 -41.80
CA ILE A 83 -30.54 62.69 -42.71
C ILE A 83 -31.71 63.64 -42.83
N THR A 84 -31.44 64.94 -42.66
CA THR A 84 -32.46 65.97 -42.76
C THR A 84 -32.10 66.91 -43.90
N ASP A 85 -33.05 67.12 -44.82
CA ASP A 85 -32.83 68.03 -45.93
C ASP A 85 -32.69 69.45 -45.40
N LEU A 86 -31.58 70.10 -45.75
CA LEU A 86 -31.30 71.46 -45.28
C LEU A 86 -32.08 72.52 -46.05
N VAL A 87 -33.05 72.12 -46.86
CA VAL A 87 -33.88 73.08 -47.59
C VAL A 87 -35.21 73.21 -46.87
N GLN A 88 -35.22 72.94 -45.56
CA GLN A 88 -36.41 73.11 -44.72
C GLN A 88 -37.60 72.35 -45.31
N ASN A 89 -37.42 71.05 -45.53
CA ASN A 89 -38.45 70.23 -46.14
C ASN A 89 -39.23 69.39 -45.13
N GLY A 90 -38.73 69.25 -43.91
CA GLY A 90 -39.56 68.80 -42.80
C GLY A 90 -39.92 67.33 -42.79
N SER A 91 -39.11 66.47 -43.39
CA SER A 91 -39.36 65.02 -43.35
C SER A 91 -38.02 64.29 -43.35
N PRO A 92 -37.43 64.07 -42.18
CA PRO A 92 -36.14 63.39 -42.12
C PRO A 92 -36.24 61.95 -42.62
N ARG A 93 -35.23 61.53 -43.37
CA ARG A 93 -35.08 60.12 -43.72
C ARG A 93 -34.22 59.42 -42.67
N LEU A 94 -34.53 58.15 -42.43
CA LEU A 94 -33.87 57.36 -41.40
C LEU A 94 -33.20 56.16 -42.05
N LEU A 95 -31.88 56.18 -42.13
CA LEU A 95 -31.09 55.11 -42.74
C LEU A 95 -30.58 54.19 -41.64
N GLU A 96 -31.11 52.96 -41.61
CA GLU A 96 -30.62 51.94 -40.71
C GLU A 96 -29.39 51.27 -41.31
N GLY A 97 -28.38 51.03 -40.48
CA GLY A 97 -27.14 50.45 -40.94
C GLY A 97 -26.61 49.43 -39.95
N GLN A 98 -25.61 48.68 -40.40
CA GLN A 98 -25.13 47.52 -39.68
C GLN A 98 -23.64 47.36 -39.92
N ILE A 99 -22.90 47.07 -38.85
CA ILE A 99 -21.46 46.83 -38.91
C ILE A 99 -21.19 45.41 -38.47
N GLU A 100 -20.45 44.68 -39.31
CA GLU A 100 -19.94 43.36 -38.97
C GLU A 100 -18.48 43.52 -38.53
N VAL A 101 -18.20 43.15 -37.29
CA VAL A 101 -16.86 43.29 -36.74
C VAL A 101 -15.99 42.14 -37.26
N GLN A 102 -14.92 42.49 -37.97
CA GLN A 102 -13.96 41.49 -38.41
C GLN A 102 -12.97 41.22 -37.29
N ASP A 103 -12.73 39.94 -37.01
CA ASP A 103 -11.88 39.53 -35.91
C ASP A 103 -10.41 39.68 -36.27
N ILE A 104 -9.58 39.89 -35.26
CA ILE A 104 -8.14 39.93 -35.42
C ILE A 104 -7.51 39.30 -34.18
N ASN A 105 -6.33 38.69 -34.38
CA ASN A 105 -5.70 37.87 -33.35
C ASN A 105 -5.05 38.77 -32.30
N ASP A 106 -5.88 39.27 -31.38
CA ASP A 106 -5.43 40.11 -30.29
C ASP A 106 -5.58 39.44 -28.93
N ASN A 107 -5.80 38.13 -28.90
CA ASN A 107 -5.95 37.40 -27.65
C ASN A 107 -5.14 36.12 -27.71
N THR A 108 -4.42 35.82 -26.61
CA THR A 108 -3.53 34.68 -26.52
C THR A 108 -4.26 33.47 -25.96
N PRO A 109 -4.04 32.27 -26.50
CA PRO A 109 -4.60 31.07 -25.88
C PRO A 109 -3.79 30.66 -24.67
N ASN A 110 -4.49 30.26 -23.60
CA ASN A 110 -3.84 29.89 -22.36
C ASN A 110 -4.69 28.87 -21.62
N PHE A 111 -4.09 28.25 -20.61
CA PHE A 111 -4.75 27.23 -19.82
C PHE A 111 -5.30 27.84 -18.52
N ALA A 112 -6.33 27.20 -17.99
CA ALA A 112 -6.92 27.65 -16.73
C ALA A 112 -5.86 27.75 -15.64
N SER A 113 -4.91 26.82 -15.63
CA SER A 113 -3.84 26.80 -14.66
C SER A 113 -2.51 26.64 -15.38
N PRO A 114 -1.46 27.35 -14.94
CA PRO A 114 -0.15 27.19 -15.59
C PRO A 114 0.46 25.82 -15.38
N VAL A 115 -0.10 25.01 -14.50
CA VAL A 115 0.36 23.66 -14.25
C VAL A 115 -0.84 22.72 -14.30
N ILE A 116 -0.63 21.53 -14.82
CA ILE A 116 -1.67 20.51 -14.93
C ILE A 116 -1.15 19.21 -14.35
N THR A 117 -1.99 18.56 -13.54
CA THR A 117 -1.62 17.34 -12.84
C THR A 117 -2.50 16.20 -13.33
N LEU A 118 -1.91 15.23 -14.01
CA LEU A 118 -2.61 14.05 -14.47
C LEU A 118 -2.18 12.84 -13.65
N ALA A 119 -3.15 11.99 -13.33
CA ALA A 119 -2.97 10.84 -12.45
C ALA A 119 -3.20 9.57 -13.27
N ILE A 120 -2.15 8.78 -13.47
CA ILE A 120 -2.20 7.62 -14.35
C ILE A 120 -1.85 6.38 -13.54
N PRO A 121 -2.73 5.38 -13.43
CA PRO A 121 -2.34 4.13 -12.77
C PRO A 121 -1.09 3.55 -13.42
N GLU A 122 -0.27 2.89 -12.59
CA GLU A 122 1.10 2.60 -12.98
C GLU A 122 1.21 1.52 -14.05
N ASN A 123 0.22 0.64 -14.20
CA ASN A 123 0.29 -0.44 -15.18
C ASN A 123 -0.81 -0.32 -16.21
N THR A 124 -1.14 0.91 -16.61
CA THR A 124 -2.10 1.12 -17.68
C THR A 124 -1.53 0.63 -19.00
N ASN A 125 -2.36 -0.07 -19.77
CA ASN A 125 -1.91 -0.67 -21.02
C ASN A 125 -1.52 0.42 -22.02
N ILE A 126 -0.63 0.04 -22.93
CA ILE A 126 -0.23 0.96 -23.99
C ILE A 126 -1.47 1.39 -24.78
N GLY A 127 -1.45 2.63 -25.25
CA GLY A 127 -2.54 3.18 -26.02
C GLY A 127 -3.60 3.90 -25.21
N SER A 128 -3.64 3.67 -23.90
CA SER A 128 -4.62 4.35 -23.06
C SER A 128 -4.54 5.85 -23.26
N LEU A 129 -5.70 6.49 -23.29
CA LEU A 129 -5.79 7.93 -23.50
C LEU A 129 -6.19 8.62 -22.20
N PHE A 130 -5.70 9.84 -22.03
CA PHE A 130 -6.03 10.64 -20.86
C PHE A 130 -6.18 12.11 -21.26
N PRO A 131 -7.35 12.71 -21.05
CA PRO A 131 -7.57 14.05 -21.58
C PRO A 131 -6.77 15.10 -20.83
N ILE A 132 -6.39 16.15 -21.57
CA ILE A 132 -5.72 17.30 -20.98
C ILE A 132 -6.71 18.47 -20.94
N PRO A 133 -6.71 19.28 -19.88
CA PRO A 133 -7.53 20.50 -19.91
C PRO A 133 -7.25 21.33 -21.15
N LEU A 134 -8.31 21.81 -21.78
CA LEU A 134 -8.17 22.56 -23.01
C LEU A 134 -7.68 23.97 -22.74
N ALA A 135 -7.09 24.57 -23.77
CA ALA A 135 -6.77 25.99 -23.77
C ALA A 135 -7.89 26.73 -24.48
N SER A 136 -8.19 27.94 -24.00
CA SER A 136 -9.25 28.75 -24.55
C SER A 136 -8.67 30.00 -25.22
N ASP A 137 -9.29 30.42 -26.31
CA ASP A 137 -8.87 31.59 -27.07
C ASP A 137 -10.09 32.46 -27.30
N ARG A 138 -10.10 33.66 -26.71
CA ARG A 138 -11.23 34.56 -26.86
C ARG A 138 -11.50 34.92 -28.31
N ASP A 139 -10.52 34.72 -29.20
CA ASP A 139 -10.71 35.02 -30.61
C ASP A 139 -11.62 33.98 -31.24
N ALA A 140 -11.80 34.10 -32.56
CA ALA A 140 -12.63 33.18 -33.32
C ALA A 140 -11.97 32.90 -34.66
N GLY A 141 -12.35 31.77 -35.26
CA GLY A 141 -11.82 31.39 -36.54
C GLY A 141 -10.37 30.97 -36.45
N PRO A 142 -9.61 31.16 -37.53
CA PRO A 142 -8.18 30.81 -37.50
C PRO A 142 -7.44 31.45 -36.34
N ASN A 143 -7.92 32.58 -35.83
CA ASN A 143 -7.28 33.24 -34.70
C ASN A 143 -7.51 32.53 -33.37
N GLY A 144 -8.19 31.38 -33.38
CA GLY A 144 -8.42 30.60 -32.19
C GLY A 144 -7.45 29.43 -32.08
N VAL A 145 -7.73 28.56 -31.10
CA VAL A 145 -6.86 27.43 -30.83
C VAL A 145 -6.68 26.62 -32.11
N ALA A 146 -5.42 26.34 -32.45
CA ALA A 146 -5.08 25.68 -33.71
C ALA A 146 -4.33 24.37 -33.52
N SER A 147 -3.39 24.30 -32.58
CA SER A 147 -2.59 23.11 -32.44
C SER A 147 -1.90 23.10 -31.08
N TYR A 148 -1.86 21.91 -30.47
CA TYR A 148 -1.07 21.67 -29.27
C TYR A 148 0.27 21.03 -29.64
N GLU A 149 1.12 20.87 -28.63
CA GLU A 149 2.41 20.22 -28.83
C GLU A 149 2.94 19.76 -27.48
N LEU A 150 3.55 18.59 -27.46
CA LEU A 150 4.04 17.98 -26.22
C LEU A 150 5.56 18.04 -26.20
N GLN A 151 6.10 18.92 -25.37
CA GLN A 151 7.54 19.06 -25.18
C GLN A 151 7.92 18.32 -23.91
N ALA A 152 8.74 17.27 -24.06
CA ALA A 152 9.08 16.41 -22.95
C ALA A 152 10.55 16.04 -23.02
N GLY A 153 11.07 15.56 -21.89
CA GLY A 153 12.45 15.16 -21.81
C GLY A 153 12.69 13.83 -22.49
N PRO A 154 13.94 13.38 -22.45
CA PRO A 154 14.27 12.08 -23.07
C PRO A 154 13.55 10.92 -22.42
N GLU A 155 13.62 10.81 -21.09
CA GLU A 155 12.93 9.72 -20.40
C GLU A 155 11.45 9.73 -20.69
N ALA A 156 10.82 10.92 -20.67
CA ALA A 156 9.38 11.00 -20.89
C ALA A 156 9.03 10.67 -22.34
N GLN A 157 9.84 11.12 -23.28
CA GLN A 157 9.68 10.68 -24.66
C GLN A 157 9.78 9.16 -24.71
N GLU A 158 9.00 8.55 -25.60
CA GLU A 158 8.84 7.11 -25.73
C GLU A 158 8.01 6.51 -24.59
N LEU A 159 7.48 7.33 -23.69
CA LEU A 159 6.44 6.92 -22.76
C LEU A 159 5.10 7.57 -23.03
N PHE A 160 5.10 8.87 -23.34
CA PHE A 160 3.88 9.61 -23.58
C PHE A 160 3.91 10.21 -24.98
N GLY A 161 2.72 10.29 -25.60
CA GLY A 161 2.56 10.93 -26.88
C GLY A 161 1.37 11.86 -26.86
N LEU A 162 1.30 12.71 -27.89
CA LEU A 162 0.24 13.69 -28.03
C LEU A 162 -0.67 13.26 -29.18
N GLN A 163 -1.86 12.79 -28.83
CA GLN A 163 -2.92 12.51 -29.80
C GLN A 163 -4.05 13.49 -29.56
N VAL A 164 -4.69 13.96 -30.63
CA VAL A 164 -5.69 15.01 -30.51
C VAL A 164 -6.96 14.57 -31.23
N ALA A 165 -8.04 14.45 -30.48
CA ALA A 165 -9.37 14.26 -31.04
C ALA A 165 -9.77 15.50 -31.81
N GLU A 166 -9.83 15.38 -33.14
CA GLU A 166 -10.25 16.47 -34.02
C GLU A 166 -11.76 16.35 -34.25
N ASP A 167 -12.50 16.64 -33.20
CA ASP A 167 -13.95 16.72 -33.27
C ASP A 167 -14.35 18.16 -33.53
N GLN A 168 -15.26 18.36 -34.50
CA GLN A 168 -15.63 19.71 -34.90
C GLN A 168 -16.08 20.56 -33.72
N GLU A 169 -16.52 19.95 -32.63
CA GLU A 169 -16.90 20.72 -31.45
C GLU A 169 -15.74 21.60 -30.99
N GLU A 170 -14.61 20.96 -30.64
CA GLU A 170 -13.43 21.69 -30.19
C GLU A 170 -12.24 20.75 -30.24
N LYS A 171 -11.05 21.33 -30.31
CA LYS A 171 -9.82 20.56 -30.26
C LYS A 171 -9.71 19.85 -28.92
N GLN A 172 -9.69 18.52 -28.93
CA GLN A 172 -9.57 17.79 -27.67
C GLN A 172 -8.18 17.18 -27.55
N PRO A 173 -7.27 17.76 -26.75
CA PRO A 173 -5.96 17.15 -26.59
C PRO A 173 -6.01 15.94 -25.69
N GLN A 174 -5.06 15.02 -25.93
CA GLN A 174 -5.07 13.74 -25.25
C GLN A 174 -3.65 13.19 -25.14
N LEU A 175 -3.34 12.69 -23.95
CA LEU A 175 -2.06 12.06 -23.66
C LEU A 175 -2.20 10.56 -23.85
N ILE A 176 -1.41 10.00 -24.76
CA ILE A 176 -1.47 8.57 -25.05
C ILE A 176 -0.29 7.89 -24.37
N VAL A 177 -0.58 6.82 -23.64
CA VAL A 177 0.46 6.04 -22.98
C VAL A 177 1.14 5.15 -24.00
N MET A 178 2.46 5.24 -24.10
CA MET A 178 3.22 4.51 -25.09
C MET A 178 4.24 3.56 -24.49
N GLY A 179 4.31 3.44 -23.17
CA GLY A 179 5.23 2.54 -22.53
C GLY A 179 4.73 2.15 -21.15
N ASN A 180 5.31 1.08 -20.63
CA ASN A 180 4.89 0.58 -19.32
C ASN A 180 5.43 1.50 -18.23
N LEU A 181 4.53 1.97 -17.38
CA LEU A 181 4.91 2.72 -16.19
C LEU A 181 5.08 1.77 -15.01
N ASP A 182 5.80 2.25 -13.99
CA ASP A 182 6.09 1.43 -12.82
C ASP A 182 6.43 2.39 -11.68
N ARG A 183 5.47 2.59 -10.76
CA ARG A 183 5.68 3.56 -9.70
C ARG A 183 6.87 3.20 -8.83
N GLU A 184 7.17 1.90 -8.71
CA GLU A 184 8.35 1.48 -7.98
C GLU A 184 9.64 1.80 -8.73
N ARG A 185 9.57 2.46 -9.89
CA ARG A 185 10.74 2.92 -10.61
C ARG A 185 10.77 4.45 -10.70
N TRP A 186 9.73 5.07 -11.26
CA TRP A 186 9.59 6.51 -11.30
C TRP A 186 8.16 6.88 -10.98
N ASP A 187 7.96 7.84 -10.08
CA ASP A 187 6.62 8.21 -9.64
C ASP A 187 6.27 9.66 -10.00
N SER A 188 7.01 10.28 -10.90
CA SER A 188 6.76 11.66 -11.26
C SER A 188 7.42 11.95 -12.60
N TYR A 189 6.70 12.64 -13.49
CA TYR A 189 7.20 13.00 -14.80
C TYR A 189 6.81 14.43 -15.11
N ASP A 190 7.72 15.16 -15.75
CA ASP A 190 7.59 16.57 -16.04
C ASP A 190 7.47 16.76 -17.56
N LEU A 191 6.24 16.82 -18.04
CA LEU A 191 5.97 17.21 -19.42
C LEU A 191 5.71 18.70 -19.50
N THR A 192 5.76 19.23 -20.72
CA THR A 192 5.39 20.62 -20.98
C THR A 192 4.52 20.64 -22.22
N ILE A 193 3.35 21.25 -22.12
CA ILE A 193 2.40 21.31 -23.23
C ILE A 193 2.33 22.76 -23.71
N LYS A 194 2.28 22.92 -25.03
CA LYS A 194 2.31 24.22 -25.69
C LYS A 194 1.14 24.32 -26.65
N VAL A 195 0.42 25.43 -26.59
CA VAL A 195 -0.73 25.67 -27.46
C VAL A 195 -0.46 26.90 -28.31
N GLN A 196 -1.02 26.89 -29.53
CA GLN A 196 -0.90 27.99 -30.46
C GLN A 196 -2.24 28.24 -31.14
N ASP A 197 -2.41 29.46 -31.66
CA ASP A 197 -3.55 29.79 -32.51
C ASP A 197 -3.10 29.91 -33.95
N GLY A 198 -4.08 29.95 -34.86
CA GLY A 198 -3.82 29.78 -36.27
C GLY A 198 -3.71 31.03 -37.10
N GLY A 199 -3.75 32.21 -36.48
CA GLY A 199 -3.53 33.44 -37.19
C GLY A 199 -2.08 33.87 -37.12
N SER A 200 -1.61 34.49 -38.20
CA SER A 200 -0.21 34.90 -38.26
C SER A 200 -0.05 36.42 -38.03
N PRO A 201 0.92 36.82 -37.21
CA PRO A 201 1.82 35.96 -36.43
C PRO A 201 1.08 35.23 -35.31
N PRO A 202 1.44 33.98 -35.02
CA PRO A 202 0.67 33.20 -34.04
C PRO A 202 1.03 33.52 -32.60
N ARG A 203 0.03 33.35 -31.73
CA ARG A 203 0.21 33.46 -30.30
C ARG A 203 0.31 32.07 -29.68
N ALA A 204 0.92 32.00 -28.50
CA ALA A 204 1.20 30.70 -27.88
C ALA A 204 1.19 30.82 -26.37
N SER A 205 0.92 29.69 -25.72
CA SER A 205 1.09 29.56 -24.28
C SER A 205 1.73 28.20 -23.98
N SER A 206 2.25 28.09 -22.77
CA SER A 206 2.89 26.86 -22.32
C SER A 206 2.54 26.61 -20.87
N ALA A 207 2.04 25.42 -20.57
CA ALA A 207 1.78 25.00 -19.21
C ALA A 207 2.57 23.73 -18.92
N LEU A 208 3.01 23.60 -17.67
CA LEU A 208 3.73 22.41 -17.24
C LEU A 208 2.71 21.32 -16.92
N LEU A 209 2.86 20.18 -17.59
CA LEU A 209 1.95 19.05 -17.41
C LEU A 209 2.65 18.00 -16.55
N ARG A 210 2.19 17.87 -15.30
CA ARG A 210 2.74 16.90 -14.38
C ARG A 210 2.02 15.57 -14.53
N VAL A 211 2.78 14.49 -14.57
CA VAL A 211 2.21 13.14 -14.64
C VAL A 211 2.74 12.37 -13.44
N THR A 212 1.90 12.22 -12.42
CA THR A 212 2.18 11.30 -11.33
C THR A 212 1.44 10.00 -11.55
N VAL A 213 2.03 8.91 -11.09
CA VAL A 213 1.51 7.57 -11.31
C VAL A 213 0.95 7.04 -10.00
N LEU A 214 -0.25 6.48 -10.06
CA LEU A 214 -0.86 5.94 -8.86
C LEU A 214 -0.35 4.53 -8.58
N ASP A 215 -0.55 4.09 -7.35
CA ASP A 215 -0.03 2.81 -6.90
C ASP A 215 -1.05 1.71 -7.14
N THR A 216 -0.60 0.62 -7.72
CA THR A 216 -1.37 -0.62 -7.77
C THR A 216 -0.67 -1.67 -6.94
N ASN A 217 -1.47 -2.56 -6.33
CA ASN A 217 -0.94 -3.61 -5.46
C ASN A 217 -0.33 -4.70 -6.33
N ASP A 218 0.77 -4.34 -6.98
CA ASP A 218 1.46 -5.23 -7.92
C ASP A 218 2.68 -5.89 -7.32
N ASN A 219 2.95 -5.66 -6.03
CA ASN A 219 4.08 -6.29 -5.34
C ASN A 219 3.58 -6.93 -4.07
N ALA A 220 3.94 -8.21 -3.87
CA ALA A 220 3.58 -8.91 -2.66
C ALA A 220 4.66 -8.73 -1.61
N PRO A 221 4.31 -8.83 -0.32
CA PRO A 221 5.34 -8.68 0.73
C PRO A 221 6.35 -9.81 0.69
N LYS A 222 7.52 -9.53 1.26
CA LYS A 222 8.60 -10.51 1.34
C LYS A 222 9.27 -10.39 2.71
N PHE A 223 9.60 -11.52 3.30
CA PHE A 223 10.20 -11.55 4.62
C PHE A 223 11.69 -11.25 4.53
N GLU A 224 12.21 -10.63 5.60
CA GLU A 224 13.64 -10.37 5.70
C GLU A 224 14.44 -11.62 5.32
N ARG A 225 14.16 -12.74 5.97
CA ARG A 225 14.75 -14.01 5.62
C ARG A 225 13.65 -15.07 5.54
N PRO A 226 13.81 -16.05 4.65
CA PRO A 226 12.69 -16.96 4.38
C PRO A 226 12.23 -17.76 5.59
N SER A 227 13.13 -18.08 6.52
CA SER A 227 12.79 -18.89 7.67
C SER A 227 13.42 -18.30 8.92
N TYR A 228 12.82 -18.61 10.07
CA TYR A 228 13.23 -18.04 11.34
C TYR A 228 13.51 -19.14 12.35
N GLU A 229 14.62 -19.03 13.07
CA GLU A 229 14.94 -19.90 14.18
C GLU A 229 14.99 -19.09 15.46
N ALA A 230 14.64 -19.73 16.57
CA ALA A 230 14.73 -19.07 17.87
C ALA A 230 14.71 -20.13 18.95
N GLU A 231 15.34 -19.81 20.08
CA GLU A 231 15.30 -20.64 21.28
C GLU A 231 14.43 -19.97 22.33
N LEU A 232 13.81 -20.79 23.17
CA LEU A 232 12.94 -20.27 24.22
C LEU A 232 13.00 -21.20 25.42
N SER A 233 13.23 -20.63 26.60
CA SER A 233 13.33 -21.43 27.81
C SER A 233 11.96 -21.97 28.22
N GLU A 234 11.96 -23.23 28.63
CA GLU A 234 10.76 -23.83 29.21
C GLU A 234 10.20 -22.94 30.31
N ASN A 235 8.87 -22.94 30.44
CA ASN A 235 8.19 -22.23 31.51
C ASN A 235 8.63 -20.77 31.59
N SER A 236 8.61 -20.10 30.45
CA SER A 236 8.95 -18.68 30.41
C SER A 236 7.77 -17.84 30.86
N PRO A 237 8.03 -16.63 31.37
CA PRO A 237 6.93 -15.80 31.85
C PRO A 237 6.07 -15.28 30.72
N ILE A 238 4.77 -15.13 31.00
CA ILE A 238 3.86 -14.60 30.01
C ILE A 238 4.30 -13.21 29.60
N GLY A 239 4.29 -12.95 28.29
CA GLY A 239 4.79 -11.71 27.73
C GLY A 239 6.22 -11.77 27.28
N HIS A 240 6.98 -12.78 27.70
CA HIS A 240 8.36 -12.92 27.26
C HIS A 240 8.42 -12.97 25.74
N SER A 241 9.39 -12.25 25.18
CA SER A 241 9.51 -12.12 23.73
C SER A 241 10.18 -13.36 23.16
N VAL A 242 9.50 -14.02 22.22
CA VAL A 242 10.05 -15.20 21.57
C VAL A 242 10.89 -14.77 20.37
N ILE A 243 10.28 -14.04 19.44
CA ILE A 243 10.98 -13.62 18.22
C ILE A 243 10.13 -12.60 17.52
N GLN A 244 10.74 -11.81 16.63
CA GLN A 244 10.02 -10.83 15.83
C GLN A 244 10.24 -11.15 14.36
N VAL A 245 9.14 -11.35 13.64
CA VAL A 245 9.18 -11.60 12.20
C VAL A 245 8.82 -10.30 11.50
N LYS A 246 9.46 -10.05 10.36
CA LYS A 246 9.30 -8.80 9.64
C LYS A 246 9.32 -9.07 8.15
N ALA A 247 8.36 -8.48 7.44
CA ALA A 247 8.33 -8.47 5.98
C ALA A 247 8.03 -7.05 5.53
N ASN A 248 8.48 -6.72 4.32
CA ASN A 248 8.25 -5.39 3.78
C ASN A 248 7.79 -5.49 2.33
N ASP A 249 7.07 -4.47 1.89
CA ASP A 249 6.45 -4.45 0.57
C ASP A 249 6.83 -3.17 -0.15
N SER A 250 7.21 -3.31 -1.43
CA SER A 250 7.66 -2.17 -2.21
C SER A 250 6.55 -1.22 -2.60
N ASP A 251 5.29 -1.58 -2.37
CA ASP A 251 4.18 -0.73 -2.75
C ASP A 251 4.11 0.48 -1.81
N GLN A 252 3.00 1.22 -1.86
CA GLN A 252 2.79 2.40 -1.04
C GLN A 252 1.44 2.31 -0.36
N GLY A 253 1.26 3.17 0.65
CA GLY A 253 -0.01 3.22 1.36
C GLY A 253 -0.44 1.86 1.86
N ALA A 254 -1.76 1.62 1.78
CA ALA A 254 -2.32 0.37 2.28
C ALA A 254 -1.82 -0.84 1.51
N ASN A 255 -1.25 -0.64 0.31
CA ASN A 255 -0.69 -1.76 -0.43
C ASN A 255 0.63 -2.25 0.16
N ALA A 256 1.23 -1.48 1.07
CA ALA A 256 2.42 -1.90 1.78
C ALA A 256 2.21 -2.07 3.27
N GLU A 257 1.06 -1.67 3.80
CA GLU A 257 0.74 -1.94 5.20
C GLU A 257 0.50 -3.43 5.39
N ILE A 258 1.28 -4.05 6.27
CA ILE A 258 1.28 -5.50 6.43
C ILE A 258 0.66 -5.88 7.76
N GLU A 259 -0.01 -7.03 7.77
CA GLU A 259 -0.53 -7.64 8.98
C GLU A 259 -0.07 -9.09 9.04
N TYR A 260 0.32 -9.53 10.23
CA TYR A 260 0.89 -10.85 10.44
C TYR A 260 -0.12 -11.73 11.15
N THR A 261 -0.28 -12.96 10.68
CA THR A 261 -1.25 -13.89 11.28
C THR A 261 -0.72 -15.31 11.17
N PHE A 262 -1.12 -16.15 12.12
CA PHE A 262 -0.74 -17.56 12.08
C PHE A 262 -1.32 -18.23 10.85
N HIS A 263 -0.46 -18.85 10.05
CA HIS A 263 -0.86 -19.63 8.89
C HIS A 263 -0.60 -21.11 9.18
N GLN A 264 -1.66 -21.88 9.36
CA GLN A 264 -1.54 -23.33 9.53
C GLN A 264 -0.72 -23.65 10.77
N ALA A 265 -1.12 -23.06 11.90
CA ALA A 265 -0.46 -23.31 13.17
C ALA A 265 -1.32 -24.24 14.02
N PRO A 266 -0.84 -25.41 14.41
CA PRO A 266 -1.67 -26.31 15.22
C PRO A 266 -2.13 -25.63 16.50
N GLU A 267 -3.30 -26.05 16.97
CA GLU A 267 -3.88 -25.43 18.16
C GLU A 267 -2.89 -25.40 19.31
N VAL A 268 -2.08 -26.46 19.43
CA VAL A 268 -1.12 -26.54 20.54
C VAL A 268 -0.20 -25.33 20.52
N VAL A 269 0.17 -24.85 19.33
CA VAL A 269 1.05 -23.69 19.22
C VAL A 269 0.27 -22.41 19.46
N ARG A 270 -0.96 -22.33 18.94
CA ARG A 270 -1.75 -21.12 19.12
C ARG A 270 -2.02 -20.85 20.60
N ARG A 271 -2.23 -21.90 21.39
CA ARG A 271 -2.49 -21.71 22.80
C ARG A 271 -1.30 -21.11 23.52
N LEU A 272 -0.09 -21.41 23.06
CA LEU A 272 1.12 -21.02 23.79
C LEU A 272 1.77 -19.75 23.26
N LEU A 273 1.50 -19.36 22.02
CA LEU A 273 2.14 -18.20 21.42
C LEU A 273 1.10 -17.21 20.93
N ARG A 274 1.44 -15.92 21.06
CA ARG A 274 0.64 -14.85 20.50
C ARG A 274 1.47 -14.07 19.50
N LEU A 275 0.85 -13.72 18.38
CA LEU A 275 1.49 -12.97 17.31
C LEU A 275 0.78 -11.64 17.17
N ASP A 276 1.47 -10.56 17.55
CA ASP A 276 0.92 -9.22 17.40
C ASP A 276 0.86 -8.88 15.92
N ARG A 277 -0.36 -8.71 15.39
CA ARG A 277 -0.54 -8.62 13.95
C ARG A 277 0.13 -7.36 13.37
N ASN A 278 0.23 -6.30 14.16
CA ASN A 278 0.81 -5.06 13.65
C ASN A 278 2.33 -5.08 13.71
N THR A 279 2.88 -5.37 14.89
CA THR A 279 4.33 -5.35 15.07
C THR A 279 5.01 -6.65 14.65
N GLY A 280 4.24 -7.70 14.39
CA GLY A 280 4.83 -8.98 14.03
C GLY A 280 5.65 -9.60 15.13
N LEU A 281 5.37 -9.27 16.39
CA LEU A 281 6.12 -9.77 17.52
C LEU A 281 5.44 -11.01 18.09
N ILE A 282 6.15 -12.13 18.05
CA ILE A 282 5.68 -13.38 18.63
C ILE A 282 6.20 -13.47 20.07
N THR A 283 5.26 -13.46 21.01
CA THR A 283 5.53 -13.56 22.44
C THR A 283 4.80 -14.76 23.04
N VAL A 284 5.06 -15.01 24.32
CA VAL A 284 4.54 -16.18 25.01
C VAL A 284 3.22 -15.82 25.69
N GLN A 285 2.26 -16.75 25.61
CA GLN A 285 0.98 -16.57 26.29
C GLN A 285 0.48 -17.85 26.95
N GLY A 286 1.38 -18.78 27.27
CA GLY A 286 0.99 -20.03 27.90
C GLY A 286 2.16 -20.77 28.53
N PRO A 287 1.88 -21.94 29.10
CA PRO A 287 2.93 -22.73 29.75
C PRO A 287 3.78 -23.47 28.74
N VAL A 288 5.02 -23.01 28.55
CA VAL A 288 5.96 -23.65 27.63
C VAL A 288 6.58 -24.82 28.37
N ASP A 289 6.10 -26.03 28.09
CA ASP A 289 6.55 -27.25 28.75
C ASP A 289 7.26 -28.10 27.71
N ARG A 290 8.57 -28.25 27.85
CA ARG A 290 9.34 -29.01 26.87
C ARG A 290 8.88 -30.46 26.80
N GLU A 291 8.56 -31.06 27.94
CA GLU A 291 8.17 -32.47 27.94
C GLU A 291 6.89 -32.69 27.15
N ASP A 292 6.06 -31.66 27.02
CA ASP A 292 4.89 -31.76 26.15
C ASP A 292 5.30 -31.64 24.69
N LEU A 293 6.06 -30.61 24.35
CA LEU A 293 6.58 -30.43 22.99
C LEU A 293 8.01 -29.91 23.08
N SER A 294 8.94 -30.64 22.46
CA SER A 294 10.35 -30.25 22.51
C SER A 294 10.60 -29.02 21.65
N THR A 295 10.04 -29.00 20.44
CA THR A 295 10.24 -27.90 19.51
C THR A 295 8.94 -27.67 18.76
N LEU A 296 8.51 -26.42 18.66
CA LEU A 296 7.26 -26.06 17.99
C LEU A 296 7.57 -25.43 16.64
N ARG A 297 6.92 -25.93 15.60
CA ARG A 297 7.09 -25.46 14.24
C ARG A 297 5.79 -24.88 13.74
N PHE A 298 5.87 -23.82 12.94
CA PHE A 298 4.68 -23.24 12.34
C PHE A 298 5.11 -22.27 11.25
N SER A 299 4.14 -21.72 10.55
CA SER A 299 4.38 -20.76 9.48
C SER A 299 3.53 -19.53 9.70
N VAL A 300 4.13 -18.36 9.51
CA VAL A 300 3.46 -17.09 9.68
C VAL A 300 3.17 -16.49 8.32
N LEU A 301 2.09 -15.71 8.26
CA LEU A 301 1.61 -15.10 7.03
C LEU A 301 1.65 -13.59 7.15
N ALA A 302 2.22 -12.95 6.14
CA ALA A 302 2.20 -11.50 5.98
C ALA A 302 1.24 -11.18 4.85
N LYS A 303 0.25 -10.33 5.15
CA LYS A 303 -0.77 -9.92 4.18
C LYS A 303 -0.79 -8.41 4.11
N ASP A 304 -0.59 -7.85 2.92
CA ASP A 304 -0.74 -6.43 2.75
C ASP A 304 -2.22 -6.05 2.73
N ARG A 305 -2.50 -4.78 3.04
CA ARG A 305 -3.87 -4.31 3.18
C ARG A 305 -4.47 -3.84 1.86
N GLY A 306 -4.01 -4.36 0.74
CA GLY A 306 -4.64 -4.05 -0.53
C GLY A 306 -5.99 -4.71 -0.66
N THR A 307 -6.84 -4.11 -1.49
CA THR A 307 -8.19 -4.65 -1.66
C THR A 307 -8.16 -6.11 -2.10
N ASN A 308 -7.29 -6.44 -3.07
CA ASN A 308 -7.01 -7.83 -3.40
C ASN A 308 -5.66 -8.18 -2.78
N PRO A 309 -5.64 -8.59 -1.52
CA PRO A 309 -4.37 -8.61 -0.79
C PRO A 309 -3.47 -9.74 -1.23
N LYS A 310 -2.16 -9.45 -1.28
CA LYS A 310 -1.16 -10.41 -1.68
C LYS A 310 -0.46 -10.97 -0.44
N SER A 311 -0.21 -12.27 -0.46
CA SER A 311 0.24 -12.99 0.72
C SER A 311 1.75 -13.23 0.67
N ALA A 312 2.28 -13.70 1.80
CA ALA A 312 3.66 -14.17 1.87
C ALA A 312 3.78 -15.08 3.09
N ARG A 313 4.44 -16.22 2.92
CA ARG A 313 4.55 -17.22 3.97
C ARG A 313 6.00 -17.35 4.42
N ALA A 314 6.20 -17.61 5.71
CA ALA A 314 7.54 -17.84 6.25
C ALA A 314 7.49 -18.93 7.31
N GLN A 315 8.40 -19.90 7.19
CA GLN A 315 8.49 -20.95 8.19
C GLN A 315 9.29 -20.46 9.40
N VAL A 316 8.91 -20.96 10.57
CA VAL A 316 9.60 -20.63 11.81
C VAL A 316 9.56 -21.84 12.72
N VAL A 317 10.70 -22.10 13.37
CA VAL A 317 10.84 -23.19 14.33
C VAL A 317 11.44 -22.61 15.60
N VAL A 318 10.84 -22.94 16.74
CA VAL A 318 11.37 -22.55 18.04
C VAL A 318 11.69 -23.83 18.80
N THR A 319 12.96 -23.99 19.17
CA THR A 319 13.37 -25.10 20.02
C THR A 319 13.26 -24.68 21.47
N VAL A 320 12.69 -25.54 22.30
CA VAL A 320 12.44 -25.24 23.70
C VAL A 320 13.61 -25.74 24.52
N LYS A 321 14.30 -24.82 25.19
CA LYS A 321 15.40 -25.20 26.07
C LYS A 321 14.85 -25.83 27.34
N ASP A 322 15.53 -26.87 27.81
CA ASP A 322 15.01 -27.68 28.91
C ASP A 322 15.27 -27.01 30.25
N MET A 323 14.33 -27.21 31.17
CA MET A 323 14.47 -26.81 32.56
C MET A 323 14.23 -28.03 33.44
N ASN A 324 14.79 -27.98 34.65
CA ASN A 324 14.67 -29.10 35.59
C ASN A 324 13.39 -28.95 36.40
N ASP A 325 12.26 -29.20 35.71
CA ASP A 325 10.94 -29.07 36.30
C ASP A 325 10.27 -30.43 36.50
N ASN A 326 11.04 -31.51 36.52
CA ASN A 326 10.52 -32.84 36.79
C ASN A 326 11.54 -33.62 37.59
N ALA A 327 11.08 -34.27 38.65
CA ALA A 327 11.96 -35.05 39.50
C ALA A 327 12.06 -36.48 38.98
N PRO A 328 13.14 -37.19 39.31
CA PRO A 328 13.24 -38.59 38.89
C PRO A 328 12.07 -39.40 39.42
N THR A 329 11.83 -40.53 38.76
CA THR A 329 10.73 -41.43 39.10
C THR A 329 11.31 -42.83 39.28
N ILE A 330 11.06 -43.41 40.45
CA ILE A 330 11.53 -44.75 40.78
C ILE A 330 10.35 -45.71 40.65
N GLU A 331 10.51 -46.74 39.82
CA GLU A 331 9.53 -47.81 39.73
C GLU A 331 10.18 -49.11 40.18
N ILE A 332 9.42 -49.92 40.91
CA ILE A 332 9.87 -51.19 41.43
C ILE A 332 8.91 -52.26 40.94
N ARG A 333 9.47 -53.33 40.35
CA ARG A 333 8.63 -54.39 39.82
C ARG A 333 9.34 -55.73 39.99
N GLY A 334 8.55 -56.79 39.90
CA GLY A 334 9.07 -58.13 40.15
C GLY A 334 9.90 -58.64 38.99
N ILE A 335 11.12 -59.08 39.30
CA ILE A 335 12.01 -59.66 38.32
C ILE A 335 11.86 -61.17 38.37
N GLY A 336 11.67 -61.79 37.21
CA GLY A 336 11.52 -63.24 37.16
C GLY A 336 10.37 -63.70 38.04
N LEU A 337 10.66 -64.70 38.88
CA LEU A 337 9.64 -65.37 39.67
C LEU A 337 9.25 -64.61 40.93
N VAL A 338 9.71 -63.37 41.11
CA VAL A 338 9.46 -62.61 42.32
C VAL A 338 8.21 -61.76 42.07
N THR A 339 7.07 -62.22 42.56
CA THR A 339 5.84 -61.46 42.43
C THR A 339 5.87 -60.25 43.36
N HIS A 340 5.49 -59.10 42.85
CA HIS A 340 5.32 -57.88 43.65
C HIS A 340 3.83 -57.54 43.73
N GLN A 341 3.42 -57.02 44.89
CA GLN A 341 2.03 -56.64 45.11
C GLN A 341 1.99 -55.55 46.17
N ASP A 342 1.51 -54.37 45.77
CA ASP A 342 1.40 -53.23 46.69
C ASP A 342 2.70 -52.99 47.46
N GLY A 343 3.82 -53.19 46.78
CA GLY A 343 5.12 -52.92 47.38
C GLY A 343 5.54 -53.93 48.42
N MET A 344 5.31 -55.22 48.18
CA MET A 344 5.71 -56.26 49.10
C MET A 344 6.33 -57.41 48.33
N ALA A 345 7.09 -58.24 49.04
CA ALA A 345 7.74 -59.39 48.44
C ALA A 345 7.85 -60.49 49.48
N ASN A 346 7.77 -61.75 49.00
CA ASN A 346 7.81 -62.93 49.85
C ASN A 346 9.03 -63.74 49.46
N ILE A 347 10.05 -63.77 50.31
CA ILE A 347 11.31 -64.43 50.02
C ILE A 347 11.66 -65.39 51.15
N SER A 348 12.36 -66.47 50.79
CA SER A 348 12.94 -67.39 51.76
C SER A 348 14.40 -67.03 52.00
N GLU A 349 14.87 -67.32 53.21
CA GLU A 349 16.25 -66.99 53.58
C GLU A 349 17.28 -67.90 52.92
N ASP A 350 16.91 -68.72 51.94
CA ASP A 350 17.81 -69.75 51.43
C ASP A 350 18.74 -69.23 50.34
N VAL A 351 18.18 -68.62 49.29
CA VAL A 351 18.99 -67.97 48.26
C VAL A 351 19.27 -66.56 48.75
N ALA A 352 20.53 -66.27 49.07
CA ALA A 352 20.85 -65.12 49.89
C ALA A 352 21.97 -64.22 49.37
N GLU A 353 22.81 -64.67 48.45
CA GLU A 353 23.93 -63.86 47.97
C GLU A 353 23.72 -63.48 46.51
N GLU A 354 23.86 -62.19 46.22
CA GLU A 354 23.73 -61.66 44.86
C GLU A 354 22.51 -62.25 44.17
N THR A 355 21.38 -62.20 44.87
CA THR A 355 20.11 -62.74 44.38
C THR A 355 19.16 -61.58 44.17
N ALA A 356 18.74 -61.37 42.92
CA ALA A 356 17.87 -60.25 42.59
C ALA A 356 16.50 -60.46 43.22
N VAL A 357 16.09 -59.55 44.09
CA VAL A 357 14.78 -59.59 44.71
C VAL A 357 13.76 -58.79 43.90
N ALA A 358 14.12 -57.55 43.56
CA ALA A 358 13.25 -56.69 42.78
C ALA A 358 14.08 -56.01 41.70
N LEU A 359 13.39 -55.51 40.68
CA LEU A 359 14.02 -54.73 39.62
C LEU A 359 13.51 -53.30 39.70
N VAL A 360 14.44 -52.35 39.80
CA VAL A 360 14.11 -50.94 39.90
C VAL A 360 14.53 -50.26 38.61
N GLN A 361 13.63 -49.46 38.05
CA GLN A 361 13.94 -48.59 36.91
C GLN A 361 13.65 -47.16 37.32
N VAL A 362 14.64 -46.29 37.16
CA VAL A 362 14.51 -44.88 37.52
C VAL A 362 14.66 -44.06 36.25
N SER A 363 13.87 -43.00 36.12
CA SER A 363 13.91 -42.21 34.89
C SER A 363 13.44 -40.78 35.17
N ASP A 364 14.06 -39.83 34.47
CA ASP A 364 13.74 -38.41 34.62
C ASP A 364 13.40 -37.83 33.26
N ARG A 365 12.29 -37.08 33.20
CA ARG A 365 11.76 -36.58 31.94
C ARG A 365 12.57 -35.42 31.36
N ASP A 366 13.44 -34.80 32.13
CA ASP A 366 14.22 -33.67 31.65
C ASP A 366 15.29 -34.17 30.67
N GLU A 367 16.25 -33.31 30.36
CA GLU A 367 17.24 -33.60 29.33
C GLU A 367 18.65 -33.38 29.88
N GLY A 368 19.57 -34.25 29.48
CA GLY A 368 20.97 -34.09 29.85
C GLY A 368 21.17 -34.15 31.35
N GLU A 369 21.87 -33.14 31.88
CA GLU A 369 22.20 -33.12 33.30
C GLU A 369 20.96 -33.08 34.17
N ASN A 370 19.86 -32.53 33.67
CA ASN A 370 18.61 -32.52 34.41
C ASN A 370 17.94 -33.89 34.44
N ALA A 371 18.45 -34.85 33.66
CA ALA A 371 18.00 -36.24 33.72
C ALA A 371 19.15 -37.18 34.04
N ALA A 372 20.33 -36.66 34.36
CA ALA A 372 21.45 -37.49 34.81
C ALA A 372 21.18 -37.90 36.24
N VAL A 373 20.56 -39.07 36.40
CA VAL A 373 20.09 -39.54 37.70
C VAL A 373 21.13 -40.45 38.32
N THR A 374 21.30 -40.32 39.63
CA THR A 374 22.05 -41.26 40.45
C THR A 374 21.12 -41.79 41.54
N CYS A 375 21.30 -43.07 41.88
CA CYS A 375 20.34 -43.79 42.72
C CYS A 375 21.09 -44.60 43.76
N VAL A 376 20.56 -44.64 44.98
CA VAL A 376 21.22 -45.30 46.11
C VAL A 376 20.17 -45.89 47.04
N VAL A 377 20.65 -46.70 48.00
CA VAL A 377 19.82 -47.33 49.01
C VAL A 377 20.08 -46.63 50.35
N ALA A 378 19.01 -46.28 51.04
CA ALA A 378 19.11 -45.52 52.29
C ALA A 378 19.35 -46.45 53.47
N GLY A 379 19.88 -45.87 54.55
CA GLY A 379 20.06 -46.57 55.80
C GLY A 379 21.05 -47.73 55.68
N ASP A 380 21.00 -48.60 56.69
CA ASP A 380 21.84 -49.79 56.76
C ASP A 380 20.94 -51.01 56.61
N VAL A 381 20.89 -51.54 55.39
CA VAL A 381 20.07 -52.71 55.08
C VAL A 381 20.86 -53.57 54.10
N PRO A 382 20.86 -54.86 54.23
CA PRO A 382 21.72 -55.67 53.34
C PRO A 382 21.11 -55.88 51.96
N PHE A 383 21.17 -54.84 51.13
CA PHE A 383 20.67 -54.93 49.77
C PHE A 383 21.43 -53.95 48.90
N GLN A 384 22.17 -54.49 47.93
CA GLN A 384 22.98 -53.70 47.01
C GLN A 384 22.21 -53.46 45.71
N LEU A 385 22.47 -52.30 45.10
CA LEU A 385 21.96 -51.99 43.78
C LEU A 385 23.09 -52.20 42.77
N ARG A 386 22.90 -53.15 41.86
CA ARG A 386 23.90 -53.49 40.87
C ARG A 386 23.39 -53.14 39.48
N GLN A 387 24.31 -52.86 38.56
CA GLN A 387 23.92 -52.46 37.22
C GLN A 387 23.08 -53.54 36.55
N ALA A 388 21.79 -53.26 36.37
CA ALA A 388 20.87 -54.27 35.82
C ALA A 388 21.30 -54.66 34.40
N SER A 389 21.36 -53.70 33.50
CA SER A 389 21.72 -53.97 32.11
C SER A 389 22.21 -52.67 31.48
N GLU A 390 22.40 -52.69 30.17
CA GLU A 390 23.09 -51.62 29.47
C GLU A 390 22.12 -50.93 28.50
N THR A 391 21.91 -49.64 28.70
CA THR A 391 21.30 -48.77 27.70
C THR A 391 22.30 -47.76 27.15
N GLY A 392 23.58 -48.00 27.36
CA GLY A 392 24.62 -47.07 26.92
C GLY A 392 24.86 -46.01 27.98
N SER A 393 24.80 -44.75 27.57
CA SER A 393 24.85 -43.61 28.48
C SER A 393 23.49 -42.94 28.58
N ASP A 394 22.43 -43.75 28.60
CA ASP A 394 21.07 -43.24 28.60
C ASP A 394 20.75 -42.54 29.92
N SER A 395 19.79 -41.62 29.86
CA SER A 395 19.38 -40.91 31.07
C SER A 395 18.62 -41.82 32.02
N LYS A 396 17.80 -42.73 31.49
CA LYS A 396 17.10 -43.70 32.31
C LYS A 396 17.99 -44.92 32.54
N LYS A 397 18.02 -45.39 33.78
CA LYS A 397 18.81 -46.55 34.16
C LYS A 397 17.95 -47.49 34.99
N LYS A 398 18.46 -48.71 35.17
CA LYS A 398 17.78 -49.74 35.93
C LYS A 398 18.83 -50.56 36.69
N TYR A 399 18.44 -51.06 37.85
CA TYR A 399 19.36 -51.75 38.74
C TYR A 399 18.71 -53.02 39.29
N PHE A 400 19.51 -54.08 39.36
CA PHE A 400 19.15 -55.24 40.15
C PHE A 400 19.23 -54.90 41.63
N LEU A 401 18.12 -55.03 42.34
CA LEU A 401 18.10 -54.87 43.80
C LEU A 401 18.37 -56.24 44.40
N GLN A 402 19.65 -56.52 44.64
CA GLN A 402 20.09 -57.85 45.04
C GLN A 402 20.48 -57.85 46.51
N THR A 403 20.66 -59.06 47.05
CA THR A 403 21.03 -59.25 48.44
C THR A 403 22.56 -59.25 48.58
N THR A 404 23.03 -58.79 49.74
CA THR A 404 24.46 -58.74 50.02
C THR A 404 24.88 -59.57 51.23
N THR A 405 23.95 -60.14 51.96
CA THR A 405 24.23 -60.91 53.17
C THR A 405 23.44 -62.21 53.14
N PRO A 406 23.85 -63.21 53.94
CA PRO A 406 22.99 -64.38 54.11
C PRO A 406 21.92 -64.13 55.16
N LEU A 407 20.67 -64.38 54.79
CA LEU A 407 19.53 -64.07 55.65
C LEU A 407 19.05 -65.32 56.39
N ASP A 408 18.30 -65.07 57.47
CA ASP A 408 17.70 -66.13 58.26
C ASP A 408 16.36 -65.66 58.78
N TYR A 409 15.35 -66.52 58.69
CA TYR A 409 13.99 -66.14 59.07
C TYR A 409 13.93 -65.69 60.52
N GLU A 410 14.79 -66.23 61.38
CA GLU A 410 14.67 -65.96 62.82
C GLU A 410 15.15 -64.57 63.18
N LYS A 411 16.42 -64.26 62.87
CA LYS A 411 17.02 -63.03 63.36
C LYS A 411 16.46 -61.82 62.62
N VAL A 412 16.35 -61.89 61.29
CA VAL A 412 15.70 -60.86 60.50
C VAL A 412 14.34 -61.37 60.08
N LYS A 413 13.31 -60.54 60.27
CA LYS A 413 11.93 -60.95 60.02
C LYS A 413 11.29 -60.20 58.86
N ASP A 414 11.43 -58.88 58.81
CA ASP A 414 10.90 -58.09 57.70
C ASP A 414 11.87 -56.95 57.39
N TYR A 415 11.57 -56.22 56.33
CA TYR A 415 12.40 -55.10 55.92
C TYR A 415 11.52 -54.00 55.34
N THR A 416 12.08 -52.79 55.33
CA THR A 416 11.51 -51.68 54.59
C THR A 416 12.68 -50.93 53.95
N ILE A 417 12.83 -51.10 52.64
CA ILE A 417 13.94 -50.51 51.89
C ILE A 417 13.44 -49.26 51.19
N GLU A 418 14.15 -48.15 51.36
CA GLU A 418 13.81 -46.90 50.69
C GLU A 418 14.94 -46.56 49.73
N ILE A 419 14.62 -46.57 48.44
CA ILE A 419 15.55 -46.17 47.40
C ILE A 419 15.40 -44.67 47.16
N VAL A 420 16.53 -43.99 47.02
CA VAL A 420 16.57 -42.55 46.80
C VAL A 420 17.23 -42.28 45.46
N ALA A 421 16.69 -41.32 44.73
CA ALA A 421 17.22 -40.93 43.42
C ALA A 421 17.30 -39.42 43.34
N VAL A 422 18.32 -38.92 42.65
CA VAL A 422 18.51 -37.48 42.49
C VAL A 422 19.16 -37.21 41.15
N ASP A 423 18.77 -36.11 40.52
CA ASP A 423 19.31 -35.70 39.22
C ASP A 423 20.37 -34.63 39.40
N SER A 424 21.29 -34.56 38.44
CA SER A 424 22.39 -33.59 38.48
C SER A 424 21.93 -32.23 37.95
N GLY A 425 20.91 -31.68 38.61
CA GLY A 425 20.34 -30.41 38.25
C GLY A 425 20.74 -29.30 39.22
N ASN A 426 20.28 -28.09 38.88
CA ASN A 426 20.55 -26.90 39.68
C ASN A 426 19.35 -25.97 39.69
N PRO A 427 18.49 -26.08 40.72
CA PRO A 427 18.59 -26.98 41.87
C PRO A 427 18.35 -28.44 41.50
N PRO A 428 18.87 -29.39 42.29
CA PRO A 428 18.57 -30.80 42.03
C PRO A 428 17.23 -31.20 42.60
N LEU A 429 16.64 -32.23 41.99
CA LEU A 429 15.37 -32.79 42.42
C LEU A 429 15.59 -34.25 42.82
N SER A 430 14.91 -34.66 43.90
CA SER A 430 15.07 -36.02 44.42
C SER A 430 13.71 -36.67 44.56
N SER A 431 13.72 -38.01 44.51
CA SER A 431 12.52 -38.81 44.74
C SER A 431 12.92 -40.03 45.56
N THR A 432 11.93 -40.64 46.19
CA THR A 432 12.14 -41.80 47.05
C THR A 432 11.00 -42.78 46.88
N ASN A 433 11.32 -44.07 46.87
CA ASN A 433 10.31 -45.10 46.75
C ASN A 433 10.69 -46.30 47.59
N SER A 434 9.71 -46.87 48.28
CA SER A 434 9.94 -47.91 49.27
C SER A 434 9.54 -49.28 48.74
N LEU A 435 9.96 -50.31 49.49
CA LEU A 435 9.67 -51.70 49.16
C LEU A 435 9.87 -52.52 50.41
N LYS A 436 8.80 -53.17 50.87
CA LYS A 436 8.84 -53.97 52.09
C LYS A 436 8.99 -55.44 51.71
N VAL A 437 10.23 -55.90 51.62
CA VAL A 437 10.50 -57.31 51.36
C VAL A 437 10.23 -58.10 52.63
N GLN A 438 9.25 -58.97 52.58
CA GLN A 438 8.86 -59.81 53.72
C GLN A 438 9.42 -61.21 53.50
N VAL A 439 10.06 -61.76 54.53
CA VAL A 439 10.69 -63.07 54.44
C VAL A 439 9.77 -64.11 55.08
N VAL A 440 9.89 -65.35 54.62
CA VAL A 440 9.04 -66.44 55.10
C VAL A 440 9.88 -67.50 55.78
C1 NAG B . 13.02 -5.02 2.66
C2 NAG B . 13.60 -3.71 2.14
C3 NAG B . 14.84 -3.97 1.28
C4 NAG B . 15.84 -4.84 2.05
C5 NAG B . 15.16 -6.10 2.56
C6 NAG B . 16.06 -6.96 3.40
C7 NAG B . 12.64 -1.63 1.26
C8 NAG B . 11.53 -1.03 0.45
N2 NAG B . 12.62 -2.96 1.39
O3 NAG B . 15.44 -2.74 0.92
O4 NAG B . 16.93 -5.20 1.20
O5 NAG B . 14.03 -5.75 3.37
O6 NAG B . 16.52 -6.26 4.55
O7 NAG B . 13.52 -0.94 1.77
H2 NAG B . 13.88 -3.17 2.90
H3 NAG B . 14.57 -4.45 0.47
H4 NAG B . 16.18 -4.33 2.81
H5 NAG B . 14.84 -6.62 1.79
H61 NAG B . 16.83 -7.24 2.87
H62 NAG B . 15.57 -7.75 3.69
H81 NAG B . 11.63 -0.06 0.41
H82 NAG B . 10.67 -1.25 0.86
H83 NAG B . 11.55 -1.39 -0.46
HN2 NAG B . 11.94 -3.42 0.98
HO3 NAG B . 16.28 -2.88 0.66
HO6 NAG B . 15.99 -6.43 5.24
C1 NAG B . 18.17 -4.90 1.85
C2 NAG B . 19.30 -5.49 1.01
C3 NAG B . 20.66 -5.12 1.61
C4 NAG B . 20.76 -3.61 1.78
C5 NAG B . 19.59 -3.12 2.63
C6 NAG B . 19.58 -1.62 2.81
C7 NAG B . 18.49 -7.54 -0.07
C8 NAG B . 18.46 -9.04 -0.01
N2 NAG B . 19.17 -6.94 0.91
O3 NAG B . 21.69 -5.59 0.76
O4 NAG B . 22.00 -3.26 2.40
O5 NAG B . 18.37 -3.47 1.99
O6 NAG B . 20.11 -0.94 1.67
O7 NAG B . 17.92 -6.91 -0.95
H2 NAG B . 19.25 -5.11 0.12
H3 NAG B . 20.75 -5.54 2.49
H4 NAG B . 20.72 -3.18 0.89
H5 NAG B . 19.64 -3.55 3.50
H61 NAG B . 20.12 -1.38 3.59
H62 NAG B . 18.67 -1.33 2.96
H81 NAG B . 17.94 -9.37 -0.77
H82 NAG B . 18.05 -9.33 0.83
H83 NAG B . 19.36 -9.38 -0.06
HN2 NAG B . 19.58 -7.46 1.55
HO3 NAG B . 22.35 -5.92 1.24
HO6 NAG B . 20.24 -0.08 1.87
C1 BMA B . 23.01 -3.18 1.37
C2 BMA B . 23.65 -1.77 1.39
C3 BMA B . 24.79 -1.71 0.38
C4 BMA B . 25.77 -2.89 0.54
C5 BMA B . 24.99 -4.22 0.53
C6 BMA B . 25.88 -5.43 0.76
O2 BMA B . 24.21 -1.47 2.65
O3 BMA B . 25.51 -0.48 0.46
O4 BMA B . 26.72 -2.88 -0.51
O5 BMA B . 24.00 -4.19 1.57
O6 BMA B . 25.04 -6.56 1.01
H2 BMA B . 22.88 -1.03 1.12
H3 BMA B . 24.39 -1.74 -0.64
H4 BMA B . 26.25 -2.80 1.53
H5 BMA B . 24.50 -4.35 -0.45
H61 BMA B . 26.53 -5.23 1.62
H62 BMA B . 26.50 -5.57 -0.12
HO2 BMA B . 25.04 -1.01 2.48
HO3 BMA B . 26.32 -0.61 -0.05
HO4 BMA B . 27.43 -3.49 -0.21
HO6 BMA B . 24.53 -6.38 1.81
C1 NAG C . 2.89 -62.91 50.42
C2 NAG C . 2.07 -62.16 49.37
C3 NAG C . 0.81 -61.58 50.02
C4 NAG C . 0.02 -62.68 50.72
C5 NAG C . 0.92 -63.43 51.70
C6 NAG C . 0.23 -64.63 52.33
C7 NAG C . 3.66 -61.33 47.70
C8 NAG C . 4.38 -60.13 47.15
N2 NAG C . 2.85 -61.10 48.74
O3 NAG C . -0.01 -60.97 49.02
O4 NAG C . -1.07 -62.11 51.42
O5 NAG C . 2.09 -63.93 51.02
O6 NAG C . -1.02 -64.88 51.72
O7 NAG C . 3.80 -62.45 47.22
CA CA D . -10.40 42.99 -29.24
CA CA E . 4.99 -1.38 -10.27
CA CA F . -5.84 33.96 -30.50
CA CA G . 14.97 -33.83 36.55
CA CA H . -9.87 39.04 -31.62
CA CA I . 2.81 -0.68 -6.80
CA CA J . 1.63 -4.95 -1.78
CA CA K . 12.07 -29.87 31.76
CA CA L . 7.82 -29.12 31.58
CA CA M . 18.41 -70.74 60.72
#